data_6I44
#
_entry.id   6I44
#
_cell.length_a   90.611
_cell.length_b   129.633
_cell.length_c   55.840
_cell.angle_alpha   90.00
_cell.angle_beta   90.00
_cell.angle_gamma   90.00
#
_symmetry.space_group_name_H-M   'P 21 21 2'
#
loop_
_entity.id
_entity.type
_entity.pdbx_description
1 polymer 'Plasma kallikrein'
2 branched 2-acetamido-2-deoxy-beta-D-glucopyranose-(1-4)-2-acetamido-2-deoxy-beta-D-glucopyranose
3 non-polymer BENZAMIDINE
4 non-polymer (4S)-2-METHYL-2,4-PENTANEDIOL
5 non-polymer 2-{2-[2-(2-{2-[2-(2-ETHOXY-ETHOXY)-ETHOXY]-ETHOXY}-ETHOXY)-ETHOXY]-ETHOXY}-ETHANOL
6 non-polymer 'SULFATE ION'
7 non-polymer 'CHLORIDE ION'
8 non-polymer 'SODIUM ION'
9 non-polymer DI(HYDROXYETHYL)ETHER
10 non-polymer GLYCEROL
11 non-polymer 'FORMIC ACID'
12 non-polymer 'ACETATE ION'
13 non-polymer GLYCINE
14 non-polymer SERINE
15 water water
#
_entity_poly.entity_id   1
_entity_poly.type   'polypeptide(L)'
_entity_poly.pdbx_seq_one_letter_code
;RSHHHHHHGCLTQLYENAFFRGGDVASMYTPNAQYCQMRCTFHPRCLLFSFLPASSINDMEKRFGCFLKDSVTGTLPKVH
RTGAVSGHSLKQCGHQISACHRDIYKGVDMRGVNFNVSKVSSVEECQKRCTNNIRCQFFSYATQTFHKAEYRNNCLLKYS
PGGTPTAIKVLSNVESGFSLKPCALSEIGCHMNIFQHLAFSDVDVARVLTPDAFVCRTICTYHPNCLFFTFYTNVWKIES
QRNVCLLKTSESGTPSSSTPQENTISGYSLLTCKRTLPEPCHSKIYPGVDFGGEELNVTFVKGVNVCQETCTKMIRCQFF
TYSLLPEDCKAEACKCFLRLSMDGSPTRIAYGTQGSSGYSLRLCNTGDNSVCTTKTSTRIVGGTQSSWGEWPWQVSLQVK
LTAQRHLCGGSLIGHQWVLTAAHCFDGLPLQDVWRIYSGILQLSDITKDTPFSQIKEIIIHQNYKVSEGNHDIALIKLQA
PLQYTEFQKPICLPSKGDTSTIYTNCWVTGWGFSAEAGEIQNILQKVNIPLVTNEECQKRYQDYKITQRMVCAGYKEGGK
DACKGDAGGPLVCKHNGMWRLVGITSWGEGCARREQPGVYTKVAEYMDWILEKTQSSDGKAQMQSPA
;
_entity_poly.pdbx_strand_id   A
#
# COMPACT_ATOMS: atom_id res chain seq x y z
N GLY A 9 -8.67 3.18 16.21
CA GLY A 9 -7.42 3.40 15.45
C GLY A 9 -7.13 2.25 14.50
N CYS A 10 -5.90 2.13 14.05
CA CYS A 10 -5.49 1.09 13.08
C CYS A 10 -5.53 -0.29 13.76
N LEU A 11 -6.22 -1.25 13.23
CA LEU A 11 -6.30 -2.61 13.81
C LEU A 11 -5.87 -3.61 12.77
N THR A 12 -4.65 -4.06 12.80
CA THR A 12 -4.10 -5.08 11.87
C THR A 12 -4.26 -6.50 12.41
N GLN A 13 -4.77 -6.67 13.61
CA GLN A 13 -4.90 -8.04 14.16
C GLN A 13 -5.88 -8.86 13.31
N LEU A 14 -5.52 -10.13 13.13
CA LEU A 14 -6.37 -11.13 12.50
C LEU A 14 -6.89 -12.11 13.54
N TYR A 15 -8.02 -12.72 13.26
CA TYR A 15 -8.68 -13.71 14.13
C TYR A 15 -8.72 -15.03 13.40
N GLU A 16 -7.99 -16.03 13.90
CA GLU A 16 -7.95 -17.37 13.29
C GLU A 16 -9.14 -18.19 13.74
N ASN A 17 -9.65 -19.00 12.86
CA ASN A 17 -10.73 -19.95 13.11
C ASN A 17 -11.96 -19.19 13.55
N ALA A 18 -12.23 -18.02 12.93
CA ALA A 18 -13.32 -17.14 13.41
C ALA A 18 -14.14 -16.58 12.25
N PHE A 19 -15.42 -16.48 12.43
CA PHE A 19 -16.31 -15.92 11.40
C PHE A 19 -17.26 -14.97 12.11
N PHE A 20 -17.40 -13.74 11.67
CA PHE A 20 -18.32 -12.78 12.30
C PHE A 20 -19.73 -13.04 11.87
N ARG A 21 -20.71 -12.98 12.79
CA ARG A 21 -22.11 -13.20 12.45
C ARG A 21 -22.80 -11.87 12.16
N GLY A 22 -23.37 -11.75 10.96
CA GLY A 22 -24.20 -10.60 10.62
C GLY A 22 -23.37 -9.39 10.14
N GLY A 23 -24.07 -8.27 10.10
CA GLY A 23 -23.50 -7.03 9.63
C GLY A 23 -23.14 -7.03 8.14
N ASP A 24 -23.63 -7.92 7.36
CA ASP A 24 -23.15 -8.10 5.97
C ASP A 24 -23.58 -6.92 5.11
N VAL A 25 -22.58 -6.34 4.44
CA VAL A 25 -22.80 -5.22 3.47
C VAL A 25 -22.45 -5.62 2.05
N ALA A 26 -21.57 -6.58 1.80
CA ALA A 26 -21.14 -6.98 0.44
C ALA A 26 -20.45 -8.30 0.54
N SER A 27 -20.49 -9.10 -0.50
CA SER A 27 -19.73 -10.34 -0.54
C SER A 27 -19.20 -10.55 -1.97
N MET A 28 -18.16 -11.34 -2.04
CA MET A 28 -17.45 -11.54 -3.33
C MET A 28 -16.54 -12.72 -3.12
N TYR A 29 -15.87 -13.16 -4.17
CA TYR A 29 -14.83 -14.18 -4.08
C TYR A 29 -13.46 -13.58 -4.13
N THR A 30 -12.58 -13.95 -3.23
CA THR A 30 -11.22 -13.47 -3.20
C THR A 30 -10.27 -14.65 -3.01
N PRO A 31 -9.04 -14.58 -3.47
CA PRO A 31 -8.18 -15.75 -3.37
C PRO A 31 -7.64 -15.97 -1.97
N ASN A 32 -7.59 -14.95 -1.14
CA ASN A 32 -7.12 -15.13 0.24
C ASN A 32 -7.71 -14.05 1.12
N ALA A 33 -7.40 -14.14 2.39
CA ALA A 33 -8.02 -13.23 3.38
C ALA A 33 -7.40 -11.87 3.24
N GLN A 34 -6.15 -11.73 2.87
CA GLN A 34 -5.52 -10.40 2.75
CA GLN A 34 -5.50 -10.39 2.73
C GLN A 34 -6.17 -9.57 1.61
N TYR A 35 -6.49 -10.20 0.51
CA TYR A 35 -7.19 -9.49 -0.59
C TYR A 35 -8.59 -9.12 -0.09
N CYS A 36 -9.29 -10.00 0.61
CA CYS A 36 -10.60 -9.66 1.23
C CYS A 36 -10.43 -8.45 2.14
N GLN A 37 -9.43 -8.41 2.97
CA GLN A 37 -9.19 -7.27 3.87
C GLN A 37 -9.00 -5.99 3.05
N MET A 38 -8.28 -6.07 1.97
CA MET A 38 -8.06 -4.89 1.09
CA MET A 38 -8.07 -4.88 1.11
C MET A 38 -9.42 -4.40 0.54
N ARG A 39 -10.29 -5.30 0.14
CA ARG A 39 -11.58 -4.89 -0.33
C ARG A 39 -12.34 -4.22 0.82
N CYS A 40 -12.24 -4.75 2.04
CA CYS A 40 -12.85 -4.12 3.18
C CYS A 40 -12.29 -2.73 3.42
N THR A 41 -11.00 -2.55 3.39
CA THR A 41 -10.39 -1.25 3.55
C THR A 41 -11.01 -0.22 2.60
N PHE A 42 -11.12 -0.54 1.31
CA PHE A 42 -11.57 0.42 0.29
C PHE A 42 -13.07 0.49 0.21
N HIS A 43 -13.81 -0.40 0.77
CA HIS A 43 -15.28 -0.37 0.70
C HIS A 43 -15.76 0.77 1.59
N PRO A 44 -16.75 1.59 1.22
CA PRO A 44 -17.11 2.76 2.00
C PRO A 44 -17.69 2.40 3.37
N ARG A 45 -18.25 1.24 3.58
CA ARG A 45 -18.85 0.97 4.90
C ARG A 45 -18.16 -0.17 5.63
N CYS A 46 -17.29 -0.93 5.04
CA CYS A 46 -16.74 -2.13 5.71
C CYS A 46 -15.80 -1.73 6.82
N LEU A 47 -16.09 -2.31 8.01
CA LEU A 47 -15.17 -2.26 9.17
C LEU A 47 -14.55 -3.63 9.49
N LEU A 48 -15.22 -4.68 9.16
CA LEU A 48 -14.87 -6.04 9.60
C LEU A 48 -15.06 -6.96 8.41
N PHE A 49 -14.28 -8.04 8.34
CA PHE A 49 -14.47 -9.02 7.27
C PHE A 49 -14.30 -10.42 7.82
N SER A 50 -14.85 -11.35 7.12
CA SER A 50 -14.62 -12.79 7.36
C SER A 50 -14.40 -13.45 6.01
N PHE A 51 -13.45 -14.38 5.96
CA PHE A 51 -13.05 -15.06 4.71
C PHE A 51 -13.04 -16.58 4.93
N LEU A 52 -13.53 -17.29 3.92
CA LEU A 52 -13.57 -18.78 3.94
C LEU A 52 -12.62 -19.34 2.90
N PRO A 53 -11.47 -19.84 3.29
CA PRO A 53 -10.67 -20.66 2.36
C PRO A 53 -11.46 -21.91 1.90
N ALA A 54 -11.13 -22.42 0.69
CA ALA A 54 -11.90 -23.53 0.09
C ALA A 54 -11.95 -24.78 1.02
N SER A 55 -10.90 -25.02 1.80
CA SER A 55 -10.87 -26.17 2.77
C SER A 55 -11.89 -26.00 3.90
N SER A 56 -12.37 -24.79 4.15
CA SER A 56 -13.11 -24.47 5.39
C SER A 56 -14.60 -24.73 5.18
N ILE A 57 -15.09 -24.88 3.94
CA ILE A 57 -16.55 -25.02 3.71
C ILE A 57 -16.78 -25.93 2.49
N ASN A 58 -17.65 -26.93 2.65
CA ASN A 58 -18.03 -27.84 1.55
C ASN A 58 -18.81 -27.04 0.50
N ASP A 59 -19.79 -26.25 0.94
CA ASP A 59 -20.76 -25.55 0.06
C ASP A 59 -19.98 -24.82 -1.02
N MET A 60 -20.14 -25.27 -2.25
CA MET A 60 -19.33 -24.80 -3.40
C MET A 60 -19.45 -23.28 -3.53
N GLU A 61 -20.64 -22.77 -3.27
CA GLU A 61 -20.97 -21.34 -3.47
C GLU A 61 -20.20 -20.48 -2.44
N LYS A 62 -19.74 -21.05 -1.32
CA LYS A 62 -19.13 -20.27 -0.19
C LYS A 62 -17.61 -20.38 -0.16
N ARG A 63 -17.00 -21.33 -0.84
CA ARG A 63 -15.52 -21.44 -0.91
C ARG A 63 -14.88 -20.14 -1.52
N PHE A 64 -13.81 -19.64 -0.92
CA PHE A 64 -13.18 -18.33 -1.28
C PHE A 64 -14.15 -17.16 -1.02
N GLY A 65 -15.18 -17.34 -0.22
CA GLY A 65 -16.13 -16.28 0.08
C GLY A 65 -15.52 -15.26 1.02
N CYS A 66 -15.65 -14.01 0.60
CA CYS A 66 -15.19 -12.81 1.31
C CYS A 66 -16.42 -12.02 1.68
N PHE A 67 -16.61 -11.83 2.99
CA PHE A 67 -17.85 -11.25 3.55
C PHE A 67 -17.50 -9.96 4.24
N LEU A 68 -17.90 -8.84 3.65
CA LEU A 68 -17.63 -7.50 4.14
C LEU A 68 -18.74 -7.05 5.05
N LYS A 69 -18.40 -6.44 6.19
CA LYS A 69 -19.43 -6.23 7.25
C LYS A 69 -19.24 -4.86 7.88
N ASP A 70 -20.34 -4.31 8.41
CA ASP A 70 -20.33 -3.07 9.19
C ASP A 70 -21.02 -3.31 10.54
N SER A 71 -20.74 -2.48 11.49
CA SER A 71 -21.42 -2.52 12.79
C SER A 71 -21.36 -1.11 13.34
N VAL A 72 -22.49 -0.71 13.95
CA VAL A 72 -22.50 0.64 14.56
C VAL A 72 -21.57 0.70 15.78
N THR A 73 -21.17 -0.43 16.36
CA THR A 73 -20.22 -0.42 17.49
C THR A 73 -18.81 -0.78 17.07
N GLY A 74 -18.60 -1.14 15.79
CA GLY A 74 -17.30 -1.60 15.37
C GLY A 74 -16.98 -3.02 15.80
N THR A 75 -17.98 -3.71 16.36
CA THR A 75 -17.77 -5.07 16.90
C THR A 75 -18.97 -5.91 16.44
N LEU A 76 -18.76 -7.22 16.34
CA LEU A 76 -19.81 -8.17 15.98
C LEU A 76 -19.62 -9.44 16.77
N PRO A 77 -20.69 -10.23 16.93
CA PRO A 77 -20.52 -11.59 17.47
C PRO A 77 -19.65 -12.38 16.53
N LYS A 78 -18.89 -13.32 17.04
CA LYS A 78 -18.14 -14.21 16.17
C LYS A 78 -18.22 -15.64 16.65
N VAL A 79 -18.14 -16.55 15.73
CA VAL A 79 -18.24 -17.98 16.03
C VAL A 79 -16.93 -18.64 15.63
N HIS A 80 -16.65 -19.74 16.29
CA HIS A 80 -15.51 -20.56 15.92
C HIS A 80 -15.86 -21.31 14.66
N ARG A 81 -15.02 -21.17 13.64
CA ARG A 81 -15.21 -21.93 12.39
C ARG A 81 -13.84 -22.31 11.88
N THR A 82 -13.50 -23.59 11.95
CA THR A 82 -12.13 -24.03 11.61
C THR A 82 -11.74 -23.46 10.21
N GLY A 83 -10.60 -22.84 10.15
CA GLY A 83 -10.04 -22.36 8.87
C GLY A 83 -10.51 -20.96 8.47
N ALA A 84 -11.61 -20.47 9.00
CA ALA A 84 -12.11 -19.12 8.64
C ALA A 84 -11.11 -18.12 9.16
N VAL A 85 -11.00 -16.99 8.49
CA VAL A 85 -10.11 -15.90 8.91
C VAL A 85 -10.92 -14.64 8.99
N SER A 86 -10.86 -13.92 10.09
CA SER A 86 -11.59 -12.64 10.24
C SER A 86 -10.61 -11.56 10.63
N GLY A 87 -11.03 -10.30 10.44
CA GLY A 87 -10.19 -9.17 10.76
C GLY A 87 -10.90 -7.85 10.57
N HIS A 88 -10.12 -6.82 10.58
CA HIS A 88 -10.65 -5.45 10.44
C HIS A 88 -10.24 -4.89 9.07
N SER A 89 -10.97 -3.87 8.63
CA SER A 89 -10.44 -2.96 7.60
C SER A 89 -9.15 -2.34 8.07
N LEU A 90 -8.38 -1.83 7.15
CA LEU A 90 -7.21 -1.00 7.46
C LEU A 90 -7.51 0.48 7.35
N LYS A 91 -8.78 0.88 7.45
CA LYS A 91 -9.08 2.29 7.64
C LYS A 91 -8.31 2.81 8.85
N GLN A 92 -7.83 4.03 8.79
CA GLN A 92 -7.04 4.67 9.87
C GLN A 92 -5.63 4.13 9.92
N CYS A 93 -5.16 3.36 8.97
CA CYS A 93 -3.80 2.76 9.05
C CYS A 93 -2.78 3.48 8.22
N GLY A 94 -3.03 4.65 7.68
CA GLY A 94 -2.01 5.49 7.04
C GLY A 94 -1.34 4.75 5.90
N HIS A 95 0.00 4.73 5.92
CA HIS A 95 0.76 4.19 4.78
C HIS A 95 0.55 2.71 4.62
N GLN A 96 -0.02 2.00 5.55
CA GLN A 96 -0.34 0.58 5.32
C GLN A 96 -1.48 0.41 4.36
N ILE A 97 -2.19 1.47 4.01
CA ILE A 97 -3.32 1.38 3.07
C ILE A 97 -2.77 1.38 1.66
N SER A 98 -3.09 0.33 0.89
CA SER A 98 -2.67 0.25 -0.52
C SER A 98 -3.58 -0.74 -1.16
N ALA A 99 -3.87 -0.50 -2.45
CA ALA A 99 -4.57 -1.46 -3.29
C ALA A 99 -3.63 -2.40 -4.03
N CYS A 100 -2.35 -2.26 -3.81
CA CYS A 100 -1.32 -3.14 -4.47
C CYS A 100 -1.35 -4.54 -3.92
N HIS A 101 -1.56 -5.56 -4.74
CA HIS A 101 -1.61 -6.95 -4.25
C HIS A 101 -0.81 -7.78 -5.20
N ARG A 102 0.43 -8.09 -4.86
CA ARG A 102 1.39 -8.75 -5.76
C ARG A 102 1.25 -10.27 -5.74
N ASP A 103 0.54 -10.84 -4.82
CA ASP A 103 0.64 -12.31 -4.65
C ASP A 103 0.16 -13.08 -5.89
N ILE A 104 0.88 -14.17 -6.17
CA ILE A 104 0.49 -15.13 -7.22
C ILE A 104 0.01 -16.41 -6.55
N TYR A 105 -1.09 -16.94 -7.00
CA TYR A 105 -1.80 -18.08 -6.43
C TYR A 105 -1.55 -19.30 -7.32
N LYS A 106 -0.66 -20.20 -6.90
CA LYS A 106 -0.41 -21.44 -7.70
C LYS A 106 -1.49 -22.44 -7.39
N GLY A 107 -2.06 -23.13 -8.38
CA GLY A 107 -3.12 -24.12 -8.17
C GLY A 107 -4.46 -23.53 -7.94
N VAL A 108 -4.65 -22.30 -8.43
CA VAL A 108 -5.89 -21.55 -8.28
C VAL A 108 -6.28 -20.94 -9.63
N ASP A 109 -7.52 -21.13 -10.01
CA ASP A 109 -8.11 -20.57 -11.23
C ASP A 109 -9.13 -19.48 -10.83
N MET A 110 -8.85 -18.24 -11.19
CA MET A 110 -9.78 -17.10 -10.95
CA MET A 110 -9.78 -17.10 -10.94
C MET A 110 -10.56 -16.78 -12.24
N ARG A 111 -11.84 -17.05 -12.23
CA ARG A 111 -12.68 -16.91 -13.43
C ARG A 111 -13.22 -15.51 -13.66
N GLY A 112 -13.36 -15.16 -14.93
CA GLY A 112 -14.00 -13.93 -15.35
C GLY A 112 -14.17 -13.96 -16.83
N VAL A 113 -14.28 -12.81 -17.43
CA VAL A 113 -14.35 -12.70 -18.90
C VAL A 113 -12.97 -12.81 -19.49
N ASN A 114 -12.68 -13.81 -20.29
CA ASN A 114 -11.34 -14.17 -20.80
C ASN A 114 -11.08 -13.37 -22.07
N PHE A 115 -11.02 -12.04 -22.00
CA PHE A 115 -11.12 -11.16 -23.20
C PHE A 115 -9.87 -11.24 -24.05
N ASN A 116 -8.76 -11.76 -23.57
CA ASN A 116 -7.50 -11.78 -24.35
C ASN A 116 -6.71 -12.99 -23.92
N VAL A 117 -6.22 -13.78 -24.87
CA VAL A 117 -5.50 -15.03 -24.59
C VAL A 117 -4.26 -15.06 -25.46
N SER A 118 -3.11 -15.33 -24.90
CA SER A 118 -1.82 -15.23 -25.63
C SER A 118 -0.87 -16.25 -25.03
N LYS A 119 0.15 -16.64 -25.75
CA LYS A 119 1.19 -17.51 -25.16
C LYS A 119 2.21 -16.71 -24.38
N VAL A 120 2.65 -17.25 -23.26
CA VAL A 120 3.72 -16.68 -22.44
C VAL A 120 4.58 -17.80 -21.89
N SER A 121 5.71 -17.46 -21.29
CA SER A 121 6.70 -18.42 -20.79
C SER A 121 6.68 -18.56 -19.28
N SER A 122 5.96 -17.69 -18.56
CA SER A 122 5.97 -17.71 -17.07
C SER A 122 4.75 -16.96 -16.57
N VAL A 123 4.44 -17.23 -15.33
CA VAL A 123 3.32 -16.53 -14.68
C VAL A 123 3.71 -15.07 -14.50
N GLU A 124 4.97 -14.75 -14.26
CA GLU A 124 5.39 -13.34 -14.12
C GLU A 124 5.14 -12.57 -15.41
N GLU A 125 5.36 -13.19 -16.57
CA GLU A 125 5.16 -12.47 -17.84
C GLU A 125 3.65 -12.27 -18.05
N CYS A 126 2.85 -13.20 -17.66
CA CYS A 126 1.39 -13.09 -17.76
C CYS A 126 0.97 -11.90 -16.89
N GLN A 127 1.49 -11.82 -15.65
CA GLN A 127 1.13 -10.71 -14.76
C GLN A 127 1.52 -9.39 -15.40
N LYS A 128 2.67 -9.27 -16.02
CA LYS A 128 3.09 -8.03 -16.65
C LYS A 128 2.12 -7.71 -17.79
N ARG A 129 1.71 -8.68 -18.55
CA ARG A 129 0.74 -8.43 -19.65
CA ARG A 129 0.75 -8.42 -19.65
C ARG A 129 -0.57 -7.87 -19.08
N CYS A 130 -1.03 -8.46 -17.99
CA CYS A 130 -2.26 -7.99 -17.30
C CYS A 130 -2.06 -6.55 -16.82
N THR A 131 -0.94 -6.27 -16.19
CA THR A 131 -0.68 -4.92 -15.70
C THR A 131 -0.74 -3.92 -16.85
N ASN A 132 -0.20 -4.24 -18.02
CA ASN A 132 -0.06 -3.30 -19.15
C ASN A 132 -1.22 -3.35 -20.12
N ASN A 133 -2.26 -4.10 -19.86
CA ASN A 133 -3.48 -4.09 -20.67
C ASN A 133 -4.55 -3.31 -19.92
N ILE A 134 -5.12 -2.28 -20.55
CA ILE A 134 -6.01 -1.33 -19.84
C ILE A 134 -7.23 -2.03 -19.24
N ARG A 135 -7.75 -3.08 -19.87
CA ARG A 135 -8.98 -3.72 -19.36
C ARG A 135 -8.66 -4.85 -18.36
N CYS A 136 -7.43 -5.27 -18.20
CA CYS A 136 -7.16 -6.45 -17.37
C CYS A 136 -7.21 -6.15 -15.87
N GLN A 137 -7.99 -6.90 -15.15
CA GLN A 137 -8.02 -6.77 -13.66
C GLN A 137 -7.28 -7.93 -12.99
N PHE A 138 -7.35 -9.12 -13.59
CA PHE A 138 -6.76 -10.34 -13.00
C PHE A 138 -6.50 -11.31 -14.13
N PHE A 139 -5.75 -12.34 -13.88
CA PHE A 139 -5.34 -13.27 -14.96
C PHE A 139 -5.20 -14.66 -14.41
N SER A 140 -5.18 -15.61 -15.35
CA SER A 140 -4.71 -16.98 -15.08
CA SER A 140 -4.77 -17.01 -15.08
C SER A 140 -3.73 -17.42 -16.13
N TYR A 141 -2.72 -18.14 -15.69
CA TYR A 141 -1.62 -18.71 -16.53
C TYR A 141 -1.77 -20.23 -16.44
N ALA A 142 -2.00 -20.90 -17.58
CA ALA A 142 -2.10 -22.35 -17.65
C ALA A 142 -0.71 -22.91 -18.01
N THR A 143 -0.13 -23.70 -17.14
CA THR A 143 1.27 -24.14 -17.32
C THR A 143 1.32 -25.25 -18.41
N GLN A 144 2.52 -25.74 -18.68
CA GLN A 144 2.74 -26.82 -19.68
C GLN A 144 1.96 -28.06 -19.35
N THR A 145 1.55 -28.28 -18.13
CA THR A 145 0.83 -29.50 -17.71
CA THR A 145 0.82 -29.51 -17.72
C THR A 145 -0.66 -29.26 -17.48
N PHE A 146 -1.16 -28.10 -17.86
CA PHE A 146 -2.63 -27.82 -17.70
C PHE A 146 -3.40 -28.95 -18.42
N HIS A 147 -4.51 -29.38 -17.83
CA HIS A 147 -5.25 -30.53 -18.35
C HIS A 147 -5.81 -30.26 -19.76
N LYS A 148 -6.21 -29.06 -20.10
CA LYS A 148 -6.75 -28.72 -21.44
C LYS A 148 -5.56 -28.37 -22.30
N ALA A 149 -5.18 -29.26 -23.20
CA ALA A 149 -3.98 -29.05 -24.05
C ALA A 149 -4.00 -27.73 -24.77
N GLU A 150 -5.18 -27.24 -25.16
CA GLU A 150 -5.32 -26.04 -25.99
C GLU A 150 -5.13 -24.73 -25.17
N TYR A 151 -4.94 -24.85 -23.87
CA TYR A 151 -4.62 -23.68 -23.02
C TYR A 151 -3.21 -23.79 -22.49
N ARG A 152 -2.46 -24.86 -22.75
CA ARG A 152 -1.10 -24.95 -22.16
C ARG A 152 -0.26 -23.76 -22.61
N ASN A 153 0.48 -23.17 -21.66
CA ASN A 153 1.37 -22.01 -21.87
C ASN A 153 0.60 -20.73 -22.21
N ASN A 154 -0.69 -20.70 -21.98
CA ASN A 154 -1.46 -19.49 -22.32
CA ASN A 154 -1.48 -19.49 -22.33
C ASN A 154 -1.74 -18.65 -21.05
N CYS A 155 -1.75 -17.36 -21.33
CA CYS A 155 -2.04 -16.28 -20.37
C CYS A 155 -3.42 -15.75 -20.72
N LEU A 156 -4.37 -15.83 -19.82
CA LEU A 156 -5.74 -15.39 -20.03
C LEU A 156 -5.91 -14.10 -19.22
N LEU A 157 -6.18 -13.01 -19.90
CA LEU A 157 -6.47 -11.70 -19.26
C LEU A 157 -7.95 -11.64 -19.02
N LYS A 158 -8.39 -11.09 -17.87
CA LYS A 158 -9.77 -11.15 -17.44
C LYS A 158 -10.31 -9.87 -16.78
N TYR A 159 -11.57 -9.67 -16.86
CA TYR A 159 -12.26 -8.65 -16.06
C TYR A 159 -13.57 -9.21 -15.57
N SER A 160 -14.18 -8.55 -14.62
CA SER A 160 -15.48 -8.98 -14.06
CA SER A 160 -15.52 -8.95 -14.17
C SER A 160 -16.14 -7.79 -13.42
N PRO A 161 -17.45 -7.82 -13.14
CA PRO A 161 -18.04 -6.76 -12.35
C PRO A 161 -17.40 -6.68 -10.98
N GLY A 162 -17.00 -5.49 -10.56
CA GLY A 162 -16.36 -5.29 -9.28
C GLY A 162 -14.91 -5.70 -9.25
N GLY A 163 -14.35 -6.24 -10.33
CA GLY A 163 -12.96 -6.65 -10.31
C GLY A 163 -12.63 -7.87 -9.49
N THR A 164 -13.62 -8.60 -9.04
CA THR A 164 -13.40 -9.85 -8.27
C THR A 164 -13.85 -11.00 -9.15
N PRO A 165 -13.18 -12.15 -9.06
CA PRO A 165 -13.54 -13.26 -9.91
C PRO A 165 -14.99 -13.70 -9.74
N THR A 166 -15.62 -14.16 -10.79
CA THR A 166 -17.00 -14.63 -10.67
C THR A 166 -17.03 -15.98 -9.98
N ALA A 167 -15.92 -16.70 -10.03
CA ALA A 167 -15.72 -17.97 -9.33
C ALA A 167 -14.23 -18.15 -9.15
N ILE A 168 -13.84 -18.84 -8.10
CA ILE A 168 -12.44 -19.21 -7.84
C ILE A 168 -12.41 -20.72 -7.59
N LYS A 169 -11.59 -21.46 -8.34
CA LYS A 169 -11.49 -22.93 -8.18
C LYS A 169 -10.08 -23.33 -7.82
N VAL A 170 -9.95 -24.32 -6.93
CA VAL A 170 -8.66 -25.03 -6.75
C VAL A 170 -8.51 -25.95 -7.97
N LEU A 171 -7.45 -25.77 -8.71
CA LEU A 171 -7.23 -26.48 -9.98
C LEU A 171 -5.73 -26.53 -10.18
N SER A 172 -5.17 -27.75 -10.36
CA SER A 172 -3.74 -27.93 -10.58
C SER A 172 -3.28 -27.31 -11.90
N ASN A 173 -2.08 -26.80 -11.95
CA ASN A 173 -1.33 -26.38 -13.16
C ASN A 173 -1.93 -25.09 -13.77
N VAL A 174 -2.63 -24.32 -12.92
CA VAL A 174 -3.13 -22.94 -13.23
CA VAL A 174 -3.05 -22.94 -13.27
C VAL A 174 -2.56 -22.00 -12.15
N GLU A 175 -2.09 -20.82 -12.53
CA GLU A 175 -1.52 -19.86 -11.56
C GLU A 175 -2.18 -18.51 -11.83
N SER A 176 -2.79 -17.91 -10.82
CA SER A 176 -3.63 -16.70 -11.03
C SER A 176 -3.10 -15.56 -10.18
N GLY A 177 -3.46 -14.35 -10.54
CA GLY A 177 -3.06 -13.15 -9.79
C GLY A 177 -3.77 -11.93 -10.36
N PHE A 178 -3.38 -10.78 -9.84
CA PHE A 178 -4.04 -9.50 -10.19
C PHE A 178 -3.11 -8.64 -11.02
N SER A 179 -3.71 -7.72 -11.77
CA SER A 179 -2.96 -6.61 -12.37
C SER A 179 -2.21 -5.84 -11.29
N LEU A 180 -1.03 -5.34 -11.61
CA LEU A 180 -0.22 -4.52 -10.71
C LEU A 180 -0.36 -3.06 -11.03
N LYS A 181 -1.42 -2.64 -11.72
CA LYS A 181 -1.76 -1.21 -11.86
C LYS A 181 -1.75 -0.50 -10.51
N PRO A 182 -2.39 -1.05 -9.47
CA PRO A 182 -2.44 -0.30 -8.19
C PRO A 182 -1.12 -0.31 -7.43
N CYS A 183 -0.11 -1.00 -7.93
CA CYS A 183 1.27 -0.90 -7.47
C CYS A 183 2.01 0.19 -8.18
N ALA A 184 1.35 0.90 -9.09
CA ALA A 184 1.97 1.98 -9.87
C ALA A 184 3.07 1.44 -10.79
N LEU A 185 2.83 0.26 -11.32
CA LEU A 185 3.82 -0.43 -12.18
C LEU A 185 3.43 -0.39 -13.64
N SER A 186 2.32 0.20 -14.07
CA SER A 186 1.96 0.16 -15.51
CA SER A 186 1.97 0.12 -15.51
C SER A 186 3.00 0.88 -16.35
N GLU A 187 3.28 0.32 -17.51
CA GLU A 187 4.10 0.99 -18.52
C GLU A 187 3.16 1.75 -19.44
N ILE A 188 1.84 1.69 -19.36
N ILE A 188 1.83 1.69 -19.30
CA ILE A 188 1.21 2.46 -20.45
CA ILE A 188 0.97 2.30 -20.34
C ILE A 188 1.29 3.93 -20.01
C ILE A 188 0.67 3.76 -19.94
N GLY A 189 1.14 4.10 -18.70
CA GLY A 189 1.09 5.42 -18.05
C GLY A 189 -0.34 5.88 -18.02
N CYS A 190 -0.52 7.14 -17.75
CA CYS A 190 -1.90 7.62 -17.54
C CYS A 190 -2.09 8.99 -18.14
N HIS A 191 -3.32 9.26 -18.49
CA HIS A 191 -3.71 10.55 -19.06
C HIS A 191 -4.20 11.42 -17.91
N MET A 192 -3.44 12.44 -17.58
CA MET A 192 -3.82 13.53 -16.63
CA MET A 192 -3.87 13.49 -16.61
C MET A 192 -4.76 14.57 -17.26
N ASN A 193 -5.04 14.36 -18.52
CA ASN A 193 -5.82 15.32 -19.31
C ASN A 193 -7.15 15.56 -18.62
N ILE A 194 -7.56 16.79 -18.47
CA ILE A 194 -8.92 17.19 -18.05
C ILE A 194 -9.52 17.95 -19.21
N PHE A 195 -10.62 17.51 -19.78
CA PHE A 195 -11.27 18.19 -20.94
C PHE A 195 -12.38 19.06 -20.42
N GLN A 196 -12.26 20.36 -20.59
CA GLN A 196 -13.31 21.33 -20.21
C GLN A 196 -14.39 21.34 -21.24
N HIS A 197 -15.61 21.46 -20.82
CA HIS A 197 -16.81 21.57 -21.66
C HIS A 197 -16.85 20.41 -22.64
N LEU A 198 -16.72 19.20 -22.12
CA LEU A 198 -16.72 17.97 -22.93
C LEU A 198 -17.26 16.81 -22.10
N ALA A 199 -18.15 16.06 -22.69
CA ALA A 199 -18.81 14.90 -22.07
C ALA A 199 -18.39 13.62 -22.82
N PHE A 200 -18.35 12.50 -22.11
CA PHE A 200 -18.24 11.16 -22.66
C PHE A 200 -19.61 10.49 -22.60
N SER A 201 -19.78 9.40 -23.31
CA SER A 201 -21.03 8.60 -23.34
C SER A 201 -21.03 7.15 -22.87
N ASP A 202 -20.74 6.20 -23.67
CA ASP A 202 -20.35 4.82 -23.31
C ASP A 202 -21.24 4.10 -22.29
N VAL A 203 -20.62 3.44 -21.33
CA VAL A 203 -21.42 2.67 -20.35
C VAL A 203 -21.21 3.29 -18.97
N ASP A 204 -22.28 3.73 -18.33
CA ASP A 204 -22.24 4.26 -16.95
C ASP A 204 -22.18 3.11 -15.93
N VAL A 205 -21.16 3.05 -15.11
CA VAL A 205 -21.02 1.97 -14.11
C VAL A 205 -21.43 2.49 -12.76
N ALA A 206 -21.44 3.77 -12.51
CA ALA A 206 -21.91 4.31 -11.22
C ALA A 206 -22.21 5.77 -11.37
N ARG A 207 -22.96 6.34 -10.47
CA ARG A 207 -23.35 7.76 -10.48
CA ARG A 207 -23.36 7.76 -10.48
C ARG A 207 -23.28 8.26 -9.04
N VAL A 208 -22.45 9.27 -8.79
CA VAL A 208 -22.33 9.80 -7.42
C VAL A 208 -22.24 11.28 -7.50
N LEU A 209 -22.48 12.00 -6.43
CA LEU A 209 -22.34 13.46 -6.42
C LEU A 209 -20.95 13.80 -5.87
N THR A 210 -20.24 14.70 -6.53
CA THR A 210 -18.91 15.17 -6.07
C THR A 210 -18.89 16.69 -6.12
N PRO A 211 -18.06 17.34 -5.30
CA PRO A 211 -18.01 18.80 -5.33
C PRO A 211 -17.28 19.30 -6.56
N ASP A 212 -16.38 18.51 -7.14
CA ASP A 212 -15.58 18.96 -8.29
C ASP A 212 -15.15 17.75 -9.11
N ALA A 213 -14.57 17.96 -10.24
CA ALA A 213 -14.15 16.90 -11.15
C ALA A 213 -12.97 16.12 -10.60
N PHE A 214 -12.17 16.69 -9.71
CA PHE A 214 -10.96 16.02 -9.19
C PHE A 214 -11.32 14.93 -8.23
N VAL A 215 -12.32 15.17 -7.39
CA VAL A 215 -12.86 14.09 -6.54
C VAL A 215 -13.45 12.99 -7.44
N CYS A 216 -14.19 13.39 -8.46
CA CYS A 216 -14.74 12.39 -9.40
C CYS A 216 -13.60 11.50 -9.97
N ARG A 217 -12.53 12.15 -10.42
CA ARG A 217 -11.39 11.41 -11.00
C ARG A 217 -10.84 10.42 -9.97
N THR A 218 -10.62 10.84 -8.72
CA THR A 218 -10.06 9.91 -7.72
C THR A 218 -11.03 8.76 -7.50
N ILE A 219 -12.34 9.02 -7.40
CA ILE A 219 -13.32 7.94 -7.24
C ILE A 219 -13.22 7.01 -8.44
N CYS A 220 -13.15 7.53 -9.67
CA CYS A 220 -12.98 6.65 -10.82
C CYS A 220 -11.73 5.79 -10.72
N THR A 221 -10.63 6.38 -10.30
CA THR A 221 -9.35 5.67 -10.21
C THR A 221 -9.52 4.40 -9.39
N TYR A 222 -10.21 4.49 -8.25
CA TYR A 222 -10.31 3.36 -7.32
C TYR A 222 -11.56 2.53 -7.53
N HIS A 223 -12.37 2.83 -8.51
CA HIS A 223 -13.57 2.03 -8.78
C HIS A 223 -13.17 0.96 -9.76
N PRO A 224 -13.33 -0.36 -9.47
CA PRO A 224 -12.88 -1.40 -10.38
C PRO A 224 -13.45 -1.35 -11.79
N ASN A 225 -14.63 -0.83 -11.92
CA ASN A 225 -15.00 -0.83 -13.37
CA ASN A 225 -15.37 -0.78 -13.23
C ASN A 225 -15.08 0.54 -14.00
N CYS A 226 -14.29 1.48 -13.48
CA CYS A 226 -14.24 2.85 -14.10
C CYS A 226 -12.97 3.00 -14.88
N LEU A 227 -13.05 3.41 -16.14
CA LEU A 227 -11.91 3.81 -16.93
C LEU A 227 -11.87 5.31 -17.23
N PHE A 228 -12.99 5.98 -17.22
CA PHE A 228 -13.00 7.43 -17.55
C PHE A 228 -14.29 7.97 -16.96
N PHE A 229 -14.47 9.28 -16.95
CA PHE A 229 -15.61 9.87 -16.24
C PHE A 229 -16.05 11.16 -16.89
N THR A 230 -17.25 11.59 -16.60
CA THR A 230 -17.73 12.93 -16.89
C THR A 230 -18.38 13.53 -15.66
N PHE A 231 -17.99 14.74 -15.33
CA PHE A 231 -18.52 15.50 -14.18
C PHE A 231 -19.39 16.64 -14.72
N TYR A 232 -20.52 16.87 -14.12
CA TYR A 232 -21.40 17.99 -14.45
C TYR A 232 -21.32 19.01 -13.34
N THR A 233 -20.90 20.23 -13.59
CA THR A 233 -20.58 21.19 -12.54
C THR A 233 -21.84 21.79 -11.89
N ASN A 234 -21.61 22.49 -10.80
CA ASN A 234 -22.74 23.14 -10.09
CA ASN A 234 -22.71 23.16 -10.08
C ASN A 234 -23.30 24.34 -10.85
N VAL A 235 -22.71 24.72 -11.98
CA VAL A 235 -23.18 25.88 -12.80
C VAL A 235 -24.45 25.49 -13.55
N TRP A 236 -24.73 24.20 -13.77
CA TRP A 236 -25.95 23.78 -14.51
C TRP A 236 -27.19 24.49 -13.99
N LYS A 237 -28.00 25.01 -14.90
CA LYS A 237 -29.28 25.66 -14.55
C LYS A 237 -30.27 24.55 -14.23
N ILE A 238 -30.11 23.42 -14.90
CA ILE A 238 -30.96 22.24 -14.59
C ILE A 238 -30.49 21.65 -13.29
N GLU A 239 -31.28 21.76 -12.22
CA GLU A 239 -30.85 21.36 -10.86
C GLU A 239 -30.45 19.90 -10.80
N SER A 240 -31.21 18.97 -11.39
CA SER A 240 -30.96 17.53 -11.25
C SER A 240 -29.65 17.16 -11.98
N GLN A 241 -29.10 18.05 -12.80
CA GLN A 241 -27.82 17.68 -13.49
C GLN A 241 -26.61 18.03 -12.58
N ARG A 242 -26.74 18.91 -11.61
CA ARG A 242 -25.59 19.52 -10.91
C ARG A 242 -24.84 18.49 -10.09
N ASN A 243 -23.52 18.58 -10.19
CA ASN A 243 -22.56 17.83 -9.35
C ASN A 243 -22.55 16.36 -9.64
N VAL A 244 -23.15 15.92 -10.70
CA VAL A 244 -23.21 14.50 -11.03
C VAL A 244 -21.83 14.08 -11.56
N CYS A 245 -21.30 13.02 -10.95
CA CYS A 245 -20.06 12.34 -11.41
C CYS A 245 -20.46 11.01 -11.99
N LEU A 246 -20.33 10.83 -13.30
CA LEU A 246 -20.61 9.57 -13.98
C LEU A 246 -19.35 8.79 -14.18
N LEU A 247 -19.23 7.61 -13.61
CA LEU A 247 -18.12 6.73 -13.78
C LEU A 247 -18.41 5.82 -14.96
N LYS A 248 -17.48 5.67 -15.88
CA LYS A 248 -17.78 5.04 -17.17
C LYS A 248 -16.73 4.02 -17.56
N THR A 249 -17.15 3.16 -18.50
CA THR A 249 -16.25 2.26 -19.21
C THR A 249 -16.73 2.06 -20.65
N SER A 250 -15.91 1.33 -21.41
CA SER A 250 -16.23 0.97 -22.80
CA SER A 250 -16.21 0.98 -22.80
C SER A 250 -15.68 -0.43 -23.14
N GLU A 251 -16.43 -1.06 -24.04
CA GLU A 251 -16.14 -2.43 -24.48
C GLU A 251 -14.70 -2.47 -24.99
N SER A 252 -14.20 -1.36 -25.52
CA SER A 252 -12.83 -1.27 -26.06
C SER A 252 -11.81 -0.91 -24.99
N GLY A 253 -12.22 -0.29 -23.88
CA GLY A 253 -11.35 0.29 -22.86
C GLY A 253 -11.05 1.77 -23.03
N THR A 254 -11.38 2.34 -24.16
CA THR A 254 -11.19 3.79 -24.39
C THR A 254 -12.51 4.41 -24.80
N PRO A 255 -12.71 5.73 -24.59
CA PRO A 255 -14.00 6.33 -24.98
C PRO A 255 -14.26 6.20 -26.48
N SER A 256 -15.46 5.85 -26.83
CA SER A 256 -15.87 5.60 -28.23
C SER A 256 -16.36 6.90 -28.84
N SER A 257 -16.56 7.95 -28.08
CA SER A 257 -17.07 9.22 -28.63
C SER A 257 -16.80 10.29 -27.63
N SER A 258 -16.93 11.53 -28.03
CA SER A 258 -16.91 12.71 -27.15
C SER A 258 -17.93 13.71 -27.66
N THR A 259 -18.49 14.48 -26.77
CA THR A 259 -19.59 15.42 -27.12
C THR A 259 -19.30 16.73 -26.42
N PRO A 260 -19.10 17.84 -27.13
CA PRO A 260 -18.93 19.15 -26.51
C PRO A 260 -20.23 19.49 -25.77
N GLN A 261 -20.00 19.97 -24.53
CA GLN A 261 -21.14 20.31 -23.69
C GLN A 261 -20.70 21.27 -22.61
N GLU A 262 -21.36 22.41 -22.48
CA GLU A 262 -20.91 23.42 -21.51
C GLU A 262 -21.09 22.83 -20.08
N ASN A 263 -20.21 23.25 -19.23
CA ASN A 263 -20.29 22.95 -17.76
C ASN A 263 -20.17 21.47 -17.50
N THR A 264 -19.43 20.79 -18.33
CA THR A 264 -19.10 19.35 -18.17
CA THR A 264 -19.09 19.33 -18.17
C THR A 264 -17.58 19.19 -18.26
N ILE A 265 -17.02 18.32 -17.43
CA ILE A 265 -15.57 18.16 -17.34
C ILE A 265 -15.29 16.66 -17.40
N SER A 266 -14.45 16.19 -18.30
CA SER A 266 -14.17 14.76 -18.44
C SER A 266 -12.71 14.49 -18.25
N GLY A 267 -12.41 13.24 -17.93
CA GLY A 267 -11.02 12.79 -17.75
C GLY A 267 -10.98 11.28 -17.60
N TYR A 268 -9.86 10.80 -17.13
CA TYR A 268 -9.54 9.37 -17.11
C TYR A 268 -9.24 8.89 -15.70
N SER A 269 -9.44 7.58 -15.49
CA SER A 269 -8.84 6.91 -14.31
C SER A 269 -7.35 7.14 -14.30
N LEU A 270 -6.79 7.34 -13.15
CA LEU A 270 -5.33 7.45 -12.95
C LEU A 270 -4.73 6.13 -12.44
N LEU A 271 -5.44 5.03 -12.51
CA LEU A 271 -4.91 3.76 -11.97
C LEU A 271 -3.68 3.28 -12.72
N THR A 272 -3.47 3.70 -13.96
CA THR A 272 -2.29 3.26 -14.78
C THR A 272 -1.13 4.22 -14.65
N CYS A 273 -1.16 5.19 -13.75
CA CYS A 273 0.01 6.08 -13.57
C CYS A 273 1.19 5.30 -12.97
N LYS A 274 2.37 5.73 -13.39
CA LYS A 274 3.65 5.12 -12.89
C LYS A 274 4.10 5.80 -11.60
N ARG A 275 4.63 5.01 -10.68
CA ARG A 275 5.34 5.45 -9.46
C ARG A 275 4.43 5.89 -8.33
N THR A 276 3.47 6.74 -8.66
CA THR A 276 2.57 7.36 -7.65
CA THR A 276 2.56 7.28 -7.62
C THR A 276 1.10 7.38 -8.14
N LEU A 277 0.17 6.98 -7.25
CA LEU A 277 -1.25 7.06 -7.58
C LEU A 277 -1.84 8.19 -6.78
N PRO A 278 -2.96 8.78 -7.19
CA PRO A 278 -3.59 9.73 -6.30
C PRO A 278 -3.93 9.07 -4.98
N GLU A 279 -3.86 9.86 -3.93
CA GLU A 279 -4.21 9.35 -2.62
C GLU A 279 -5.71 9.01 -2.60
N PRO A 280 -6.15 7.92 -1.97
CA PRO A 280 -7.54 7.47 -2.04
C PRO A 280 -8.46 8.17 -1.02
N CYS A 281 -8.27 9.46 -0.91
CA CYS A 281 -9.05 10.31 0.01
C CYS A 281 -9.16 11.65 -0.64
N HIS A 282 -10.12 12.45 -0.20
CA HIS A 282 -10.35 13.78 -0.76
C HIS A 282 -10.06 14.77 0.38
N SER A 283 -8.97 15.45 0.36
CA SER A 283 -8.55 16.19 1.57
CA SER A 283 -8.43 16.23 1.49
C SER A 283 -8.97 17.66 1.59
N LYS A 284 -9.51 18.19 0.53
CA LYS A 284 -9.92 19.61 0.45
CA LYS A 284 -9.90 19.60 0.54
C LYS A 284 -11.21 19.84 1.26
N ILE A 285 -11.30 20.99 1.88
CA ILE A 285 -12.52 21.49 2.54
C ILE A 285 -13.16 22.47 1.59
N TYR A 286 -14.46 22.40 1.43
CA TYR A 286 -15.29 23.17 0.47
C TYR A 286 -16.16 24.16 1.22
N PRO A 287 -15.86 25.45 1.13
CA PRO A 287 -16.65 26.46 1.81
C PRO A 287 -17.99 26.67 1.12
N GLY A 288 -19.00 26.99 1.90
CA GLY A 288 -20.31 27.38 1.38
C GLY A 288 -21.15 26.25 0.91
N VAL A 289 -20.83 25.01 1.26
CA VAL A 289 -21.62 23.89 0.74
CA VAL A 289 -21.44 23.79 0.71
C VAL A 289 -21.95 22.93 1.87
N ASP A 290 -23.08 22.29 1.70
CA ASP A 290 -23.62 21.27 2.62
CA ASP A 290 -23.62 21.27 2.63
C ASP A 290 -23.62 19.93 1.91
N PHE A 291 -23.14 18.90 2.61
CA PHE A 291 -23.07 17.52 2.12
C PHE A 291 -24.13 16.69 2.82
N GLY A 292 -25.17 16.31 2.14
CA GLY A 292 -26.26 15.55 2.78
C GLY A 292 -25.87 14.11 3.00
N GLY A 293 -26.40 13.48 4.03
CA GLY A 293 -26.28 12.07 4.28
C GLY A 293 -26.93 11.70 5.59
N GLU A 294 -26.84 10.44 5.95
CA GLU A 294 -27.32 10.00 7.28
CA GLU A 294 -27.34 10.02 7.28
C GLU A 294 -26.47 10.60 8.38
N GLU A 295 -27.11 11.06 9.45
CA GLU A 295 -26.42 11.67 10.57
C GLU A 295 -25.83 10.60 11.47
N LEU A 296 -24.55 10.65 11.72
CA LEU A 296 -23.87 9.72 12.65
C LEU A 296 -23.81 10.38 14.01
N ASN A 297 -23.44 11.64 14.06
CA ASN A 297 -23.20 12.35 15.33
CA ASN A 297 -23.21 12.35 15.33
C ASN A 297 -23.11 13.85 15.07
N VAL A 298 -23.36 14.64 16.08
CA VAL A 298 -23.22 16.10 16.03
C VAL A 298 -22.49 16.53 17.28
N THR A 299 -21.42 17.27 17.18
CA THR A 299 -20.73 17.85 18.35
CA THR A 299 -20.67 17.81 18.33
C THR A 299 -20.20 19.23 18.03
N PHE A 300 -19.97 20.02 19.07
CA PHE A 300 -19.44 21.35 18.87
C PHE A 300 -17.94 21.28 18.83
N VAL A 301 -17.30 21.88 17.85
CA VAL A 301 -15.82 21.86 17.76
C VAL A 301 -15.31 23.21 17.34
N LYS A 302 -14.03 23.48 17.57
CA LYS A 302 -13.39 24.78 17.29
C LYS A 302 -12.89 24.80 15.87
N GLY A 303 -13.81 24.99 14.92
CA GLY A 303 -13.43 25.23 13.54
C GLY A 303 -13.47 23.98 12.62
N VAL A 304 -13.46 24.28 11.34
CA VAL A 304 -13.76 23.24 10.34
C VAL A 304 -12.62 22.21 10.29
N ASN A 305 -11.38 22.60 10.51
CA ASN A 305 -10.24 21.62 10.47
C ASN A 305 -10.42 20.65 11.63
N VAL A 306 -10.85 21.08 12.80
CA VAL A 306 -11.13 20.14 13.90
C VAL A 306 -12.32 19.28 13.50
N CYS A 307 -13.33 19.84 12.84
CA CYS A 307 -14.46 19.00 12.39
C CYS A 307 -13.91 17.86 11.51
N GLN A 308 -13.05 18.18 10.55
CA GLN A 308 -12.45 17.13 9.70
C GLN A 308 -11.76 16.08 10.56
N GLU A 309 -10.99 16.55 11.54
CA GLU A 309 -10.23 15.61 12.43
C GLU A 309 -11.21 14.72 13.17
N THR A 310 -12.33 15.28 13.61
CA THR A 310 -13.32 14.54 14.37
C THR A 310 -13.93 13.45 13.47
N CYS A 311 -14.26 13.81 12.23
CA CYS A 311 -14.78 12.83 11.28
C CYS A 311 -13.73 11.72 11.04
N THR A 312 -12.50 12.10 10.81
CA THR A 312 -11.45 11.10 10.52
C THR A 312 -11.32 10.13 11.69
N LYS A 313 -11.41 10.58 12.95
CA LYS A 313 -11.20 9.72 14.12
C LYS A 313 -12.40 8.86 14.38
N MET A 314 -13.60 9.25 13.95
CA MET A 314 -14.81 8.44 14.07
CA MET A 314 -14.81 8.43 14.07
C MET A 314 -14.95 7.56 12.81
N ILE A 315 -14.48 6.33 12.91
CA ILE A 315 -14.20 5.53 11.70
C ILE A 315 -15.39 5.33 10.79
N ARG A 316 -16.62 5.38 11.24
CA ARG A 316 -17.78 5.27 10.34
C ARG A 316 -18.12 6.58 9.64
N CYS A 317 -17.61 7.70 10.09
CA CYS A 317 -17.84 8.99 9.42
C CYS A 317 -17.18 8.92 8.03
N GLN A 318 -17.92 9.34 7.00
CA GLN A 318 -17.42 9.44 5.63
C GLN A 318 -17.18 10.87 5.22
N PHE A 319 -17.98 11.81 5.72
CA PHE A 319 -17.95 13.21 5.28
C PHE A 319 -18.70 14.02 6.34
N PHE A 320 -18.52 15.32 6.25
CA PHE A 320 -19.07 16.19 7.35
C PHE A 320 -19.47 17.52 6.77
N THR A 321 -20.27 18.22 7.58
CA THR A 321 -20.59 19.65 7.36
C THR A 321 -20.44 20.38 8.69
N TYR A 322 -19.67 21.44 8.65
CA TYR A 322 -19.44 22.34 9.78
C TYR A 322 -20.32 23.55 9.57
N SER A 323 -21.23 23.80 10.48
CA SER A 323 -22.17 24.92 10.36
C SER A 323 -21.60 26.23 10.89
N LEU A 324 -21.78 27.31 10.16
CA LEU A 324 -21.37 28.67 10.58
C LEU A 324 -22.62 29.50 10.87
N LEU A 325 -23.78 28.88 10.98
CA LEU A 325 -25.01 29.66 11.33
C LEU A 325 -24.88 30.12 12.77
N PRO A 326 -25.33 31.35 13.12
CA PRO A 326 -25.20 31.79 14.51
C PRO A 326 -25.89 30.90 15.53
N GLU A 327 -27.04 30.33 15.16
CA GLU A 327 -27.79 29.44 16.05
C GLU A 327 -27.04 28.11 16.28
N ASP A 328 -26.03 27.81 15.46
CA ASP A 328 -25.24 26.57 15.57
C ASP A 328 -23.89 26.84 16.18
N CYS A 329 -23.62 28.05 16.65
CA CYS A 329 -22.27 28.45 17.11
C CYS A 329 -22.28 29.07 18.49
N LYS A 330 -21.18 28.82 19.19
CA LYS A 330 -20.76 29.56 20.40
C LYS A 330 -19.65 30.51 20.00
N ALA A 331 -19.04 31.17 20.99
CA ALA A 331 -17.96 32.15 20.77
C ALA A 331 -16.89 31.53 19.88
N GLU A 332 -16.50 30.29 20.15
CA GLU A 332 -15.33 29.75 19.41
C GLU A 332 -15.58 28.32 18.90
N ALA A 333 -16.81 27.79 18.96
CA ALA A 333 -17.09 26.40 18.51
C ALA A 333 -18.46 26.36 17.85
N CYS A 334 -18.57 25.59 16.78
CA CYS A 334 -19.85 25.44 16.06
C CYS A 334 -20.18 23.97 15.88
N LYS A 335 -21.41 23.66 15.50
CA LYS A 335 -21.85 22.28 15.28
C LYS A 335 -21.13 21.66 14.07
N CYS A 336 -20.64 20.46 14.31
CA CYS A 336 -19.95 19.61 13.31
C CYS A 336 -20.84 18.41 13.13
N PHE A 337 -21.44 18.26 11.95
CA PHE A 337 -22.33 17.17 11.58
C PHE A 337 -21.52 16.07 10.89
N LEU A 338 -21.39 14.94 11.55
CA LEU A 338 -20.68 13.74 11.03
CA LEU A 338 -20.67 13.75 11.02
C LEU A 338 -21.70 12.89 10.31
N ARG A 339 -21.40 12.53 9.06
CA ARG A 339 -22.37 11.88 8.18
C ARG A 339 -21.78 10.70 7.40
N LEU A 340 -22.68 9.91 6.86
CA LEU A 340 -22.30 8.78 5.98
C LEU A 340 -23.41 8.46 5.03
N SER A 341 -23.12 7.73 3.98
CA SER A 341 -24.11 7.28 3.01
C SER A 341 -23.79 5.84 2.66
N MET A 342 -24.57 5.28 1.78
CA MET A 342 -24.30 3.88 1.35
C MET A 342 -23.02 3.74 0.56
N ASP A 343 -22.62 4.79 -0.16
CA ASP A 343 -21.46 4.67 -1.09
C ASP A 343 -20.31 5.62 -0.82
N GLY A 344 -20.30 6.36 0.27
CA GLY A 344 -19.22 7.22 0.67
C GLY A 344 -19.30 8.64 0.08
N SER A 345 -20.30 8.89 -0.76
CA SER A 345 -20.47 10.23 -1.36
C SER A 345 -21.72 10.88 -0.75
N PRO A 346 -21.79 12.22 -0.74
CA PRO A 346 -22.99 12.86 -0.20
C PRO A 346 -24.20 12.51 -1.05
N THR A 347 -25.37 12.54 -0.44
CA THR A 347 -26.62 12.29 -1.13
C THR A 347 -27.16 13.58 -1.75
N ARG A 348 -26.63 14.68 -1.35
CA ARG A 348 -26.99 16.11 -1.76
CA ARG A 348 -27.03 16.02 -1.91
C ARG A 348 -25.86 17.05 -1.58
N ILE A 349 -25.54 17.87 -2.57
CA ILE A 349 -24.52 18.89 -2.42
C ILE A 349 -25.23 20.22 -2.63
N ALA A 350 -25.39 21.00 -1.58
CA ALA A 350 -26.19 22.25 -1.60
C ALA A 350 -25.27 23.42 -1.42
N TYR A 351 -25.33 24.40 -2.31
CA TYR A 351 -24.52 25.61 -2.27
C TYR A 351 -25.31 26.76 -1.67
N GLY A 352 -24.58 27.84 -1.42
CA GLY A 352 -25.19 29.01 -0.78
C GLY A 352 -25.45 28.75 0.68
N THR A 353 -24.74 27.79 1.27
CA THR A 353 -24.85 27.30 2.68
C THR A 353 -23.98 28.19 3.57
N GLN A 354 -24.30 28.36 4.86
CA GLN A 354 -23.40 28.99 5.81
C GLN A 354 -22.68 27.87 6.53
N GLY A 355 -21.59 27.44 5.95
CA GLY A 355 -20.89 26.27 6.53
C GLY A 355 -19.94 25.77 5.48
N SER A 356 -19.18 24.77 5.86
CA SER A 356 -18.08 24.21 5.05
C SER A 356 -18.13 22.69 5.19
N SER A 357 -17.86 21.99 4.09
CA SER A 357 -17.96 20.50 4.05
C SER A 357 -16.64 19.89 3.62
N GLY A 358 -16.51 18.62 3.93
CA GLY A 358 -15.34 17.84 3.48
C GLY A 358 -15.55 16.41 3.85
N TYR A 359 -14.46 15.67 3.63
CA TYR A 359 -14.48 14.21 3.78
C TYR A 359 -13.60 13.76 4.92
N SER A 360 -13.87 12.55 5.39
CA SER A 360 -12.96 11.82 6.28
C SER A 360 -11.61 11.61 5.63
N LEU A 361 -10.56 11.68 6.45
CA LEU A 361 -9.20 11.31 5.97
C LEU A 361 -8.82 9.93 6.46
N ARG A 362 -9.78 9.10 6.80
CA ARG A 362 -9.49 7.72 7.30
C ARG A 362 -8.71 6.92 6.26
N LEU A 363 -8.77 7.19 4.97
CA LEU A 363 -8.03 6.33 4.00
C LEU A 363 -6.84 7.07 3.50
N CYS A 364 -6.52 8.21 4.05
CA CYS A 364 -5.35 8.91 3.55
C CYS A 364 -4.17 8.04 3.91
N ASN A 365 -3.24 7.90 3.01
CA ASN A 365 -2.17 6.89 3.20
C ASN A 365 -0.86 7.61 3.28
N THR A 366 -0.88 8.84 3.81
CA THR A 366 0.34 9.69 3.90
C THR A 366 0.49 10.16 5.35
N VAL A 371 6.39 6.88 13.61
CA VAL A 371 6.80 5.52 13.13
C VAL A 371 5.63 4.56 13.34
N CYS A 372 5.59 3.46 12.58
CA CYS A 372 4.52 2.43 12.53
C CYS A 372 4.99 1.20 13.31
N THR A 373 4.17 0.58 14.18
CA THR A 373 4.56 -0.66 14.93
C THR A 373 3.52 -1.78 14.75
N ILE A 380 24.79 -8.03 -1.45
CA ILE A 380 24.05 -9.30 -1.32
C ILE A 380 24.72 -10.39 -2.19
N VAL A 381 25.05 -11.46 -1.52
CA VAL A 381 25.64 -12.64 -2.21
C VAL A 381 24.46 -13.61 -2.42
N GLY A 382 24.43 -14.17 -3.63
CA GLY A 382 23.55 -15.27 -3.99
C GLY A 382 22.11 -14.83 -4.17
N GLY A 383 21.92 -13.54 -4.38
CA GLY A 383 20.56 -12.96 -4.49
C GLY A 383 20.18 -12.77 -5.93
N THR A 384 19.04 -12.12 -6.13
CA THR A 384 18.61 -11.74 -7.50
C THR A 384 18.15 -10.29 -7.55
N GLN A 385 17.95 -9.77 -8.75
CA GLN A 385 17.57 -8.36 -8.89
C GLN A 385 16.12 -8.13 -8.43
N SER A 386 15.97 -7.02 -7.71
CA SER A 386 14.68 -6.49 -7.27
C SER A 386 14.01 -5.75 -8.41
N SER A 387 12.72 -5.43 -8.21
CA SER A 387 11.97 -4.62 -9.17
C SER A 387 11.36 -3.42 -8.45
N TRP A 388 10.78 -2.49 -9.21
CA TRP A 388 10.16 -1.26 -8.67
C TRP A 388 9.10 -1.53 -7.61
N GLY A 389 9.17 -0.84 -6.49
CA GLY A 389 8.19 -0.91 -5.42
C GLY A 389 8.22 -2.14 -4.55
N GLU A 390 9.17 -3.07 -4.82
CA GLU A 390 9.27 -4.29 -4.01
C GLU A 390 9.64 -3.98 -2.57
N TRP A 391 10.64 -3.12 -2.41
CA TRP A 391 11.22 -2.79 -1.10
C TRP A 391 11.24 -1.28 -0.96
N PRO A 392 10.07 -0.63 -0.82
CA PRO A 392 10.02 0.81 -0.99
C PRO A 392 10.58 1.58 0.19
N TRP A 393 10.93 0.87 1.25
CA TRP A 393 11.65 1.45 2.41
C TRP A 393 13.16 1.47 2.24
N GLN A 394 13.70 0.79 1.26
CA GLN A 394 15.17 0.76 1.11
C GLN A 394 15.69 2.09 0.67
N VAL A 395 16.73 2.56 1.36
CA VAL A 395 17.46 3.78 0.96
C VAL A 395 18.96 3.45 0.79
N SER A 396 19.63 4.32 0.07
CA SER A 396 21.09 4.32 -0.18
C SER A 396 21.73 5.49 0.55
N LEU A 397 22.65 5.20 1.46
CA LEU A 397 23.44 6.23 2.18
C LEU A 397 24.77 6.43 1.45
N GLN A 398 24.98 7.60 0.92
CA GLN A 398 26.17 7.94 0.08
C GLN A 398 26.93 9.12 0.67
N VAL A 399 28.26 9.13 0.45
CA VAL A 399 29.10 10.29 0.89
C VAL A 399 29.60 10.97 -0.38
N LYS A 400 29.46 12.28 -0.43
CA LYS A 400 30.07 13.10 -1.49
C LYS A 400 31.25 13.88 -0.87
N LEU A 401 32.45 13.57 -1.31
CA LEU A 401 33.62 14.45 -1.03
C LEU A 401 34.05 15.10 -2.34
N THR A 402 34.93 14.49 -3.11
CA THR A 402 35.14 14.94 -4.51
C THR A 402 34.31 13.96 -5.34
N ALA A 403 34.62 12.67 -5.19
CA ALA A 403 33.81 11.54 -5.69
C ALA A 403 32.60 11.31 -4.78
N GLN A 404 31.59 10.67 -5.35
CA GLN A 404 30.41 10.21 -4.61
C GLN A 404 30.39 8.69 -4.59
N ARG A 405 30.06 8.11 -3.45
CA ARG A 405 29.94 6.64 -3.46
C ARG A 405 28.94 6.15 -2.42
N HIS A 406 28.24 5.09 -2.80
CA HIS A 406 27.34 4.35 -1.89
C HIS A 406 28.16 3.64 -0.83
N LEU A 407 27.79 3.84 0.42
CA LEU A 407 28.47 3.15 1.52
C LEU A 407 27.56 2.16 2.25
N CYS A 408 26.28 2.51 2.49
CA CYS A 408 25.43 1.73 3.41
C CYS A 408 24.00 1.79 2.94
N GLY A 409 23.23 0.84 3.40
CA GLY A 409 21.76 0.91 3.30
C GLY A 409 21.12 1.55 4.49
N GLY A 410 19.81 1.71 4.42
CA GLY A 410 19.00 2.17 5.54
C GLY A 410 17.56 1.82 5.24
N SER A 411 16.73 1.98 6.24
CA SER A 411 15.28 1.72 6.11
C SER A 411 14.49 2.99 6.47
N LEU A 412 13.60 3.40 5.57
CA LEU A 412 12.65 4.49 5.89
C LEU A 412 11.68 3.99 6.93
N ILE A 413 11.57 4.68 8.06
CA ILE A 413 10.60 4.27 9.11
C ILE A 413 9.57 5.39 9.36
N GLY A 414 9.72 6.56 8.76
CA GLY A 414 8.66 7.60 8.87
C GLY A 414 9.02 8.67 7.88
N HIS A 415 8.26 9.77 7.83
CA HIS A 415 8.54 10.75 6.78
C HIS A 415 9.95 11.33 6.88
N GLN A 416 10.45 11.48 8.08
CA GLN A 416 11.74 12.16 8.29
C GLN A 416 12.75 11.27 9.03
N TRP A 417 12.51 9.98 9.09
CA TRP A 417 13.39 9.07 9.89
C TRP A 417 13.85 7.88 9.06
N VAL A 418 15.15 7.64 9.10
CA VAL A 418 15.77 6.43 8.51
C VAL A 418 16.47 5.73 9.66
N LEU A 419 16.38 4.42 9.67
CA LEU A 419 17.12 3.56 10.60
C LEU A 419 18.26 2.88 9.85
N THR A 420 19.42 2.89 10.46
CA THR A 420 20.61 2.29 9.82
C THR A 420 21.54 1.73 10.92
N ALA A 421 22.72 1.34 10.50
CA ALA A 421 23.78 0.86 11.42
C ALA A 421 24.64 2.03 11.87
N ALA A 422 24.98 2.04 13.15
CA ALA A 422 25.93 3.05 13.70
C ALA A 422 27.28 3.00 13.01
N HIS A 423 27.78 1.81 12.67
CA HIS A 423 29.15 1.73 12.12
C HIS A 423 29.28 2.41 10.78
N CYS A 424 28.18 2.67 10.04
CA CYS A 424 28.25 3.40 8.78
C CYS A 424 28.90 4.77 9.00
N PHE A 425 28.78 5.28 10.19
CA PHE A 425 29.29 6.66 10.48
C PHE A 425 30.68 6.64 11.09
N ASP A 426 31.34 5.51 11.23
CA ASP A 426 32.66 5.50 11.95
C ASP A 426 33.62 6.58 11.43
N GLY A 427 33.86 6.67 10.11
CA GLY A 427 34.82 7.63 9.50
C GLY A 427 34.26 9.01 9.31
N LEU A 428 32.96 9.13 9.11
CA LEU A 428 32.38 10.45 8.79
C LEU A 428 31.13 10.64 9.63
N PRO A 429 31.27 10.85 10.95
CA PRO A 429 30.08 11.17 11.73
C PRO A 429 29.57 12.57 11.43
N LEU A 430 30.31 13.34 10.62
CA LEU A 430 29.83 14.67 10.22
C LEU A 430 28.64 14.50 9.27
N GLN A 431 27.50 15.06 9.60
CA GLN A 431 26.24 14.86 8.83
C GLN A 431 26.26 15.55 7.45
N ASP A 432 27.15 16.51 7.21
CA ASP A 432 27.12 17.46 6.06
CA ASP A 432 27.12 17.47 6.07
C ASP A 432 27.55 16.81 4.73
N VAL A 433 28.26 15.68 4.73
CA VAL A 433 28.82 15.06 3.49
C VAL A 433 27.90 13.93 2.96
N TRP A 434 26.82 13.65 3.67
CA TRP A 434 25.94 12.47 3.37
C TRP A 434 24.81 12.88 2.43
N ARG A 435 24.50 12.01 1.48
CA ARG A 435 23.33 12.13 0.57
C ARG A 435 22.55 10.83 0.66
N ILE A 436 21.25 10.93 0.89
CA ILE A 436 20.42 9.72 1.05
C ILE A 436 19.47 9.67 -0.12
N TYR A 437 19.47 8.56 -0.83
CA TYR A 437 18.63 8.38 -2.02
C TYR A 437 17.54 7.37 -1.67
N SER A 438 16.29 7.69 -2.02
CA SER A 438 15.12 6.84 -1.77
C SER A 438 14.32 6.71 -3.06
N GLY A 439 13.42 5.78 -3.12
CA GLY A 439 12.63 5.58 -4.35
C GLY A 439 13.49 5.33 -5.56
N ILE A 440 14.57 4.57 -5.38
CA ILE A 440 15.56 4.25 -6.44
CA ILE A 440 15.57 4.27 -6.44
C ILE A 440 15.80 2.76 -6.46
N LEU A 441 15.88 2.21 -7.67
CA LEU A 441 16.17 0.76 -7.87
C LEU A 441 17.63 0.60 -8.32
N GLN A 442 18.12 1.47 -9.17
CA GLN A 442 19.44 1.29 -9.84
C GLN A 442 20.30 2.49 -9.58
N LEU A 443 21.50 2.27 -9.08
CA LEU A 443 22.42 3.38 -8.74
C LEU A 443 22.82 4.19 -9.97
N SER A 444 22.83 3.54 -11.15
CA SER A 444 23.19 4.17 -12.44
C SER A 444 22.15 5.24 -12.79
N ASP A 445 20.94 5.15 -12.24
CA ASP A 445 19.90 6.18 -12.49
C ASP A 445 20.23 7.50 -11.78
N ILE A 446 21.19 7.57 -10.86
CA ILE A 446 21.47 8.82 -10.09
C ILE A 446 22.36 9.72 -10.95
N THR A 447 21.91 10.94 -11.17
CA THR A 447 22.70 11.98 -11.88
C THR A 447 22.83 13.16 -10.95
N LYS A 448 23.58 14.18 -11.36
CA LYS A 448 23.76 15.37 -10.51
C LYS A 448 22.39 16.03 -10.28
N ASP A 449 21.37 15.68 -11.08
CA ASP A 449 19.99 16.25 -11.00
C ASP A 449 19.06 15.46 -10.08
N THR A 450 19.38 14.20 -9.73
CA THR A 450 18.49 13.31 -8.93
C THR A 450 18.36 13.93 -7.54
N PRO A 451 17.13 14.14 -7.01
CA PRO A 451 17.00 14.69 -5.68
C PRO A 451 17.59 13.72 -4.65
N PHE A 452 18.06 14.25 -3.52
CA PHE A 452 18.46 13.42 -2.35
C PHE A 452 18.05 14.11 -1.07
N SER A 453 17.92 13.33 0.00
CA SER A 453 17.68 13.83 1.36
C SER A 453 19.03 14.16 1.99
N GLN A 454 19.03 15.14 2.86
CA GLN A 454 20.20 15.58 3.62
C GLN A 454 19.91 15.29 5.07
N ILE A 455 20.96 15.12 5.84
CA ILE A 455 20.81 14.73 7.25
C ILE A 455 20.72 16.02 8.07
N LYS A 456 19.79 16.02 9.01
CA LYS A 456 19.60 17.06 10.05
C LYS A 456 20.19 16.60 11.38
N GLU A 457 20.06 15.31 11.68
CA GLU A 457 20.60 14.77 12.94
C GLU A 457 21.02 13.34 12.74
N ILE A 458 22.14 12.95 13.34
CA ILE A 458 22.53 11.53 13.51
C ILE A 458 22.43 11.20 14.97
N ILE A 459 21.67 10.17 15.30
CA ILE A 459 21.52 9.67 16.68
C ILE A 459 22.14 8.28 16.71
N ILE A 460 23.37 8.18 17.18
CA ILE A 460 24.09 6.88 17.35
C ILE A 460 23.75 6.41 18.76
N HIS A 461 23.41 5.14 18.95
CA HIS A 461 23.11 4.54 20.27
C HIS A 461 24.22 4.86 21.30
N GLN A 462 23.79 5.27 22.50
CA GLN A 462 24.66 5.80 23.59
C GLN A 462 25.74 4.78 23.94
N ASN A 463 25.47 3.48 23.79
CA ASN A 463 26.41 2.39 24.24
C ASN A 463 27.21 1.81 23.06
N TYR A 464 27.09 2.38 21.86
CA TYR A 464 27.85 1.91 20.68
C TYR A 464 29.30 2.37 20.81
N LYS A 465 30.25 1.49 20.52
CA LYS A 465 31.66 1.93 20.44
C LYS A 465 32.19 1.58 19.07
N VAL A 466 32.82 2.56 18.44
CA VAL A 466 33.49 2.42 17.13
C VAL A 466 34.30 1.13 17.19
N SER A 467 34.16 0.31 16.14
CA SER A 467 34.95 -0.92 15.88
C SER A 467 34.36 -2.11 16.63
N GLU A 468 33.42 -1.90 17.55
CA GLU A 468 32.77 -2.97 18.34
C GLU A 468 31.37 -3.21 17.75
N GLY A 469 30.81 -4.41 17.93
CA GLY A 469 29.55 -4.80 17.28
C GLY A 469 28.32 -4.57 18.11
N ASN A 470 28.46 -4.23 19.40
CA ASN A 470 27.25 -4.06 20.22
C ASN A 470 26.54 -2.72 19.84
N HIS A 471 25.24 -2.78 19.83
CA HIS A 471 24.36 -1.57 19.72
C HIS A 471 24.59 -0.88 18.36
N ASP A 472 24.73 -1.69 17.31
CA ASP A 472 25.05 -1.14 15.97
C ASP A 472 23.77 -0.63 15.31
N ILE A 473 23.39 0.59 15.71
CA ILE A 473 22.04 1.13 15.39
C ILE A 473 22.15 2.65 15.49
N ALA A 474 21.63 3.31 14.50
CA ALA A 474 21.60 4.78 14.38
C ALA A 474 20.30 5.20 13.73
N LEU A 475 19.81 6.33 14.21
CA LEU A 475 18.65 7.02 13.61
C LEU A 475 19.16 8.22 12.87
N ILE A 476 18.60 8.44 11.69
CA ILE A 476 18.93 9.60 10.86
C ILE A 476 17.67 10.40 10.75
N LYS A 477 17.74 11.68 11.12
CA LYS A 477 16.60 12.60 10.92
C LYS A 477 16.89 13.39 9.68
N LEU A 478 15.96 13.38 8.73
CA LEU A 478 16.16 14.08 7.45
C LEU A 478 15.84 15.58 7.61
N GLN A 479 16.45 16.38 6.78
CA GLN A 479 16.19 17.85 6.86
C GLN A 479 14.78 18.15 6.35
N ALA A 480 14.26 17.34 5.42
CA ALA A 480 12.92 17.52 4.84
C ALA A 480 12.18 16.19 4.93
N PRO A 481 10.87 16.20 5.21
CA PRO A 481 10.11 14.96 5.15
C PRO A 481 10.05 14.51 3.70
N LEU A 482 9.96 13.19 3.56
CA LEU A 482 9.68 12.52 2.29
C LEU A 482 8.19 12.27 2.19
N GLN A 483 7.64 12.41 0.98
CA GLN A 483 6.24 12.07 0.71
C GLN A 483 6.14 10.60 0.29
N TYR A 484 5.13 9.94 0.73
CA TYR A 484 5.00 8.49 0.40
C TYR A 484 4.44 8.28 -1.01
N THR A 485 4.99 7.31 -1.74
CA THR A 485 4.48 6.81 -3.01
C THR A 485 4.54 5.28 -2.94
N GLU A 486 4.04 4.61 -3.96
CA GLU A 486 4.18 3.14 -4.03
C GLU A 486 5.66 2.78 -4.10
N PHE A 487 6.53 3.65 -4.54
CA PHE A 487 7.97 3.31 -4.67
C PHE A 487 8.80 3.81 -3.49
N GLN A 488 8.21 4.51 -2.52
CA GLN A 488 8.98 5.18 -1.43
C GLN A 488 8.04 5.22 -0.27
N LYS A 489 8.12 4.35 0.68
CA LYS A 489 7.22 4.36 1.84
C LYS A 489 7.82 3.55 2.96
N PRO A 490 7.38 3.68 4.20
CA PRO A 490 8.10 3.11 5.31
C PRO A 490 7.83 1.64 5.55
N ILE A 491 8.72 1.05 6.35
CA ILE A 491 8.57 -0.32 6.90
C ILE A 491 8.07 -0.22 8.32
N CYS A 492 7.13 -1.06 8.71
CA CYS A 492 6.63 -1.09 10.09
C CYS A 492 7.65 -1.77 11.00
N LEU A 493 7.68 -1.37 12.26
CA LEU A 493 8.61 -1.94 13.25
C LEU A 493 7.89 -3.03 14.03
N PRO A 494 8.64 -3.98 14.60
CA PRO A 494 8.01 -5.02 15.41
C PRO A 494 7.49 -4.40 16.72
N SER A 495 6.69 -5.15 17.46
CA SER A 495 5.98 -4.63 18.68
C SER A 495 6.97 -4.10 19.73
N ILE A 502 10.16 -18.32 15.27
CA ILE A 502 8.95 -17.47 15.02
C ILE A 502 8.90 -17.05 13.53
N TYR A 503 9.85 -16.31 12.93
CA TYR A 503 9.68 -15.87 11.51
C TYR A 503 10.24 -16.85 10.50
N THR A 504 9.52 -17.13 9.42
CA THR A 504 9.94 -18.17 8.44
C THR A 504 10.10 -17.64 7.02
N ASN A 505 9.84 -16.35 6.78
CA ASN A 505 9.93 -15.79 5.41
C ASN A 505 10.63 -14.44 5.48
N CYS A 506 11.94 -14.48 5.58
CA CYS A 506 12.80 -13.29 5.81
C CYS A 506 13.65 -13.02 4.57
N TRP A 507 13.85 -11.73 4.29
CA TRP A 507 14.55 -11.23 3.12
C TRP A 507 15.52 -10.12 3.53
N VAL A 508 16.64 -10.09 2.86
CA VAL A 508 17.66 -9.02 3.07
CA VAL A 508 17.69 -9.05 3.05
C VAL A 508 17.96 -8.39 1.71
N THR A 509 18.13 -7.06 1.67
CA THR A 509 18.26 -6.34 0.40
C THR A 509 19.42 -5.36 0.47
N GLY A 510 19.96 -4.99 -0.66
CA GLY A 510 20.96 -3.92 -0.72
C GLY A 510 21.71 -3.89 -2.01
N TRP A 511 22.59 -2.91 -2.14
CA TRP A 511 23.48 -2.70 -3.31
C TRP A 511 24.92 -3.17 -2.98
N GLY A 512 25.08 -3.93 -1.93
CA GLY A 512 26.44 -4.34 -1.50
C GLY A 512 27.03 -5.40 -2.40
N PHE A 513 28.27 -5.73 -2.07
CA PHE A 513 29.02 -6.76 -2.83
C PHE A 513 28.23 -8.01 -3.08
N SER A 514 28.43 -8.62 -4.26
CA SER A 514 27.82 -9.93 -4.57
C SER A 514 28.83 -11.07 -4.37
N ALA A 515 29.98 -10.75 -3.76
CA ALA A 515 30.97 -11.77 -3.36
C ALA A 515 31.77 -11.12 -2.24
N GLU A 516 32.40 -11.92 -1.40
CA GLU A 516 33.16 -11.35 -0.29
C GLU A 516 34.22 -10.38 -0.79
N ALA A 517 34.93 -10.70 -1.81
CA ALA A 517 35.87 -9.75 -2.45
C ALA A 517 35.23 -9.34 -3.76
N GLY A 518 34.12 -8.61 -3.60
CA GLY A 518 33.22 -8.33 -4.71
C GLY A 518 33.15 -6.83 -4.98
N GLU A 519 32.06 -6.43 -5.65
CA GLU A 519 31.82 -5.06 -6.08
C GLU A 519 30.39 -4.66 -5.74
N ILE A 520 30.18 -3.35 -5.62
CA ILE A 520 28.81 -2.75 -5.45
C ILE A 520 27.96 -3.13 -6.67
N GLN A 521 26.69 -3.47 -6.43
CA GLN A 521 25.72 -3.91 -7.47
C GLN A 521 24.88 -2.72 -7.91
N ASN A 522 24.71 -2.55 -9.20
CA ASN A 522 23.90 -1.45 -9.75
C ASN A 522 22.44 -1.64 -9.36
N ILE A 523 21.88 -2.81 -9.57
CA ILE A 523 20.43 -3.05 -9.31
C ILE A 523 20.25 -3.62 -7.91
N LEU A 524 19.36 -3.00 -7.16
CA LEU A 524 19.09 -3.46 -5.79
C LEU A 524 18.85 -4.96 -5.77
N GLN A 525 19.58 -5.68 -4.96
CA GLN A 525 19.49 -7.13 -4.84
C GLN A 525 18.66 -7.56 -3.67
N LYS A 526 18.08 -8.75 -3.75
CA LYS A 526 17.33 -9.36 -2.72
C LYS A 526 17.77 -10.82 -2.52
N VAL A 527 17.62 -11.30 -1.35
CA VAL A 527 17.82 -12.74 -1.08
C VAL A 527 16.99 -13.19 0.08
N ASN A 528 16.50 -14.44 0.01
CA ASN A 528 15.70 -15.05 1.08
C ASN A 528 16.64 -15.86 1.98
N ILE A 529 16.62 -15.66 3.28
CA ILE A 529 17.58 -16.30 4.19
C ILE A 529 16.83 -16.72 5.42
N PRO A 530 17.05 -17.96 5.93
CA PRO A 530 16.45 -18.36 7.17
C PRO A 530 17.17 -17.79 8.38
N LEU A 531 16.42 -17.42 9.41
CA LEU A 531 16.93 -17.05 10.72
C LEU A 531 17.54 -18.31 11.37
N VAL A 532 18.47 -18.06 12.28
CA VAL A 532 19.22 -19.11 12.99
C VAL A 532 19.12 -18.75 14.46
N THR A 533 18.97 -19.72 15.33
CA THR A 533 18.81 -19.40 16.75
C THR A 533 20.10 -18.74 17.25
N ASN A 534 20.00 -17.96 18.31
CA ASN A 534 21.20 -17.33 18.92
CA ASN A 534 21.16 -17.34 18.99
C ASN A 534 22.16 -18.45 19.35
N GLU A 535 21.65 -19.55 19.90
CA GLU A 535 22.45 -20.71 20.38
CA GLU A 535 22.52 -20.63 20.44
C GLU A 535 23.41 -21.13 19.29
N GLU A 536 22.83 -21.37 18.14
CA GLU A 536 23.57 -21.83 16.95
C GLU A 536 24.52 -20.72 16.49
N CYS A 537 24.06 -19.48 16.49
CA CYS A 537 24.92 -18.42 15.93
C CYS A 537 26.16 -18.31 16.82
N GLN A 538 25.95 -18.40 18.13
CA GLN A 538 27.01 -18.23 19.13
C GLN A 538 28.06 -19.34 18.98
N LYS A 539 27.62 -20.55 18.68
CA LYS A 539 28.54 -21.70 18.39
C LYS A 539 29.43 -21.41 17.18
N ARG A 540 28.91 -20.71 16.17
CA ARG A 540 29.65 -20.39 14.93
C ARG A 540 30.65 -19.25 15.14
N TYR A 541 30.48 -18.45 16.19
CA TYR A 541 31.26 -17.22 16.44
C TYR A 541 31.74 -17.26 17.86
N GLN A 542 32.63 -18.22 18.14
CA GLN A 542 33.14 -18.43 19.52
C GLN A 542 33.99 -17.25 20.00
N ASP A 543 34.47 -16.40 19.11
CA ASP A 543 35.31 -15.28 19.58
C ASP A 543 34.49 -14.04 19.92
N TYR A 544 33.19 -14.02 19.63
CA TYR A 544 32.35 -12.82 19.86
C TYR A 544 31.15 -13.25 20.69
N LYS A 545 30.63 -12.33 21.48
CA LYS A 545 29.41 -12.60 22.27
C LYS A 545 28.20 -12.22 21.42
N ILE A 546 27.44 -13.23 21.03
CA ILE A 546 26.16 -13.04 20.31
C ILE A 546 25.08 -12.86 21.36
N THR A 547 24.54 -11.64 21.46
CA THR A 547 23.62 -11.25 22.54
C THR A 547 22.18 -11.37 22.08
N GLN A 548 21.26 -11.20 23.03
CA GLN A 548 19.81 -11.24 22.75
C GLN A 548 19.42 -10.03 21.91
N ARG A 549 20.29 -9.05 21.76
CA ARG A 549 20.01 -7.81 20.96
C ARG A 549 20.55 -7.99 19.53
N MET A 550 20.96 -9.20 19.18
CA MET A 550 21.36 -9.56 17.82
C MET A 550 20.44 -10.64 17.32
N VAL A 551 20.25 -10.69 16.01
CA VAL A 551 19.53 -11.78 15.35
C VAL A 551 20.41 -12.25 14.20
N CYS A 552 20.44 -13.54 13.94
CA CYS A 552 21.38 -14.13 12.96
C CYS A 552 20.59 -14.81 11.86
N ALA A 553 21.14 -14.84 10.64
CA ALA A 553 20.49 -15.48 9.51
C ALA A 553 21.53 -16.04 8.56
N GLY A 554 21.32 -17.27 8.10
CA GLY A 554 22.17 -17.83 7.05
C GLY A 554 21.87 -19.31 6.83
N TYR A 555 22.53 -19.85 5.82
CA TYR A 555 22.45 -21.29 5.46
C TYR A 555 23.70 -22.00 5.99
N LYS A 556 23.56 -23.24 6.48
CA LYS A 556 24.72 -24.12 6.83
C LYS A 556 25.79 -24.11 5.74
N GLU A 557 25.41 -24.22 4.46
CA GLU A 557 26.33 -24.27 3.30
C GLU A 557 26.84 -22.90 2.89
N GLY A 558 26.35 -21.83 3.52
CA GLY A 558 26.64 -20.47 3.06
C GLY A 558 26.08 -20.18 1.67
N GLY A 559 26.70 -19.24 0.97
CA GLY A 559 26.37 -18.88 -0.41
C GLY A 559 25.32 -17.77 -0.54
N LYS A 560 24.59 -17.47 0.53
CA LYS A 560 23.56 -16.39 0.51
C LYS A 560 23.77 -15.57 1.77
N ASP A 561 23.95 -14.26 1.60
CA ASP A 561 24.26 -13.40 2.76
C ASP A 561 24.26 -11.96 2.31
N ALA A 562 24.21 -11.06 3.29
CA ALA A 562 24.59 -9.66 3.08
C ALA A 562 26.10 -9.53 2.94
N CYS A 563 26.57 -8.39 2.48
CA CYS A 563 28.04 -8.15 2.38
C CYS A 563 28.34 -6.68 2.49
N LYS A 564 29.60 -6.27 2.36
CA LYS A 564 30.02 -4.89 2.37
C LYS A 564 29.16 -4.05 1.43
N GLY A 565 28.65 -2.94 1.94
CA GLY A 565 27.77 -2.03 1.23
C GLY A 565 26.31 -2.34 1.50
N ASP A 566 25.99 -3.41 2.18
CA ASP A 566 24.60 -3.72 2.59
C ASP A 566 24.36 -3.27 4.00
N ALA A 567 25.42 -2.95 4.78
CA ALA A 567 25.17 -2.67 6.19
C ALA A 567 24.22 -1.47 6.39
N GLY A 568 23.45 -1.61 7.41
CA GLY A 568 22.43 -0.62 7.76
C GLY A 568 21.11 -0.84 7.07
N GLY A 569 21.07 -1.67 6.03
CA GLY A 569 19.81 -1.99 5.34
C GLY A 569 18.97 -2.97 6.11
N PRO A 570 17.78 -3.28 5.58
CA PRO A 570 16.82 -4.09 6.27
C PRO A 570 17.00 -5.61 6.19
N LEU A 571 16.63 -6.24 7.26
CA LEU A 571 16.20 -7.65 7.29
C LEU A 571 14.71 -7.60 7.62
N VAL A 572 13.89 -7.96 6.68
CA VAL A 572 12.42 -7.86 6.86
C VAL A 572 11.82 -9.26 6.80
N CYS A 573 10.75 -9.47 7.52
CA CYS A 573 10.07 -10.78 7.45
C CYS A 573 8.59 -10.49 7.21
N LYS A 574 8.00 -11.32 6.37
CA LYS A 574 6.54 -11.25 6.10
C LYS A 574 5.82 -12.29 6.94
N HIS A 575 4.99 -11.85 7.86
CA HIS A 575 4.25 -12.69 8.83
C HIS A 575 2.78 -12.24 8.82
N ASN A 576 1.87 -13.20 8.67
CA ASN A 576 0.42 -12.92 8.53
C ASN A 576 0.16 -11.85 7.47
N GLY A 577 0.93 -11.86 6.38
CA GLY A 577 0.76 -10.98 5.20
C GLY A 577 1.43 -9.62 5.36
N MET A 578 2.03 -9.34 6.51
CA MET A 578 2.58 -8.01 6.87
C MET A 578 4.11 -8.08 6.93
N TRP A 579 4.76 -7.19 6.20
CA TRP A 579 6.23 -6.99 6.34
C TRP A 579 6.54 -6.25 7.62
N ARG A 580 7.58 -6.66 8.32
CA ARG A 580 8.09 -5.84 9.45
C ARG A 580 9.62 -5.92 9.49
N LEU A 581 10.21 -4.89 10.03
CA LEU A 581 11.68 -4.76 10.11
C LEU A 581 12.18 -5.54 11.32
N VAL A 582 12.87 -6.65 11.05
CA VAL A 582 13.28 -7.55 12.16
C VAL A 582 14.75 -7.30 12.51
N GLY A 583 15.54 -6.96 11.50
CA GLY A 583 16.96 -6.69 11.74
C GLY A 583 17.50 -5.57 10.92
N ILE A 584 18.65 -5.09 11.35
CA ILE A 584 19.49 -4.13 10.62
C ILE A 584 20.80 -4.83 10.26
N THR A 585 21.11 -4.90 9.00
CA THR A 585 22.37 -5.56 8.54
C THR A 585 23.56 -4.99 9.29
N SER A 586 24.38 -5.84 9.94
CA SER A 586 25.47 -5.36 10.83
C SER A 586 26.82 -5.95 10.43
N TRP A 587 27.02 -7.26 10.58
CA TRP A 587 28.35 -7.85 10.30
C TRP A 587 28.28 -9.33 10.00
N GLY A 588 29.40 -9.86 9.54
CA GLY A 588 29.61 -11.31 9.47
C GLY A 588 31.11 -11.50 9.38
N GLU A 589 31.57 -12.74 9.57
CA GLU A 589 33.00 -13.03 9.26
C GLU A 589 33.12 -13.30 7.77
N GLY A 590 33.62 -12.34 7.01
CA GLY A 590 33.59 -12.37 5.56
C GLY A 590 32.13 -12.30 5.10
N CYS A 591 31.78 -12.97 4.03
CA CYS A 591 30.38 -12.92 3.54
C CYS A 591 30.06 -14.27 2.91
N ALA A 592 28.92 -14.85 3.28
CA ALA A 592 28.37 -16.06 2.64
C ALA A 592 29.28 -17.27 2.86
N ARG A 593 30.12 -17.24 3.89
CA ARG A 593 30.93 -18.45 4.19
C ARG A 593 30.06 -19.53 4.79
N ARG A 594 30.45 -20.77 4.58
CA ARG A 594 29.75 -21.91 5.20
C ARG A 594 29.77 -21.79 6.74
N GLU A 595 28.65 -22.08 7.39
CA GLU A 595 28.51 -22.08 8.86
C GLU A 595 28.91 -20.75 9.51
N GLN A 596 28.68 -19.63 8.81
CA GLN A 596 28.99 -18.29 9.36
C GLN A 596 27.80 -17.36 9.05
N PRO A 597 26.78 -17.34 9.91
CA PRO A 597 25.55 -16.59 9.58
C PRO A 597 25.86 -15.09 9.59
N GLY A 598 25.06 -14.35 8.83
CA GLY A 598 25.03 -12.88 9.03
C GLY A 598 24.47 -12.50 10.34
N VAL A 599 24.98 -11.43 10.92
CA VAL A 599 24.50 -10.95 12.22
C VAL A 599 23.85 -9.59 11.99
N TYR A 600 22.68 -9.43 12.57
CA TYR A 600 21.85 -8.22 12.38
C TYR A 600 21.52 -7.67 13.75
N THR A 601 21.38 -6.34 13.86
CA THR A 601 20.82 -5.73 15.10
C THR A 601 19.35 -6.09 15.22
N LYS A 602 18.92 -6.60 16.36
CA LYS A 602 17.54 -7.09 16.51
C LYS A 602 16.67 -5.91 16.93
N VAL A 603 15.88 -5.43 15.96
CA VAL A 603 15.14 -4.15 16.11
C VAL A 603 14.16 -4.19 17.28
N ALA A 604 13.52 -5.34 17.51
CA ALA A 604 12.55 -5.45 18.64
C ALA A 604 13.19 -5.02 19.96
N GLU A 605 14.49 -5.26 20.15
CA GLU A 605 15.18 -5.02 21.43
C GLU A 605 15.58 -3.56 21.55
N TYR A 606 15.34 -2.73 20.52
CA TYR A 606 15.70 -1.28 20.53
C TYR A 606 14.46 -0.39 20.35
N MET A 607 13.28 -0.98 20.41
CA MET A 607 12.00 -0.24 20.23
C MET A 607 11.86 0.86 21.27
N ASP A 608 12.20 0.63 22.54
CA ASP A 608 12.11 1.73 23.54
C ASP A 608 13.04 2.88 23.13
N TRP A 609 14.23 2.56 22.66
CA TRP A 609 15.23 3.56 22.24
C TRP A 609 14.72 4.30 21.00
N ILE A 610 14.17 3.56 20.04
CA ILE A 610 13.66 4.21 18.79
C ILE A 610 12.53 5.19 19.15
N LEU A 611 11.60 4.78 20.00
CA LEU A 611 10.42 5.65 20.27
C LEU A 611 10.88 6.83 21.10
N GLU A 612 11.81 6.62 22.02
CA GLU A 612 12.22 7.75 22.88
C GLU A 612 12.96 8.74 22.00
N LYS A 613 13.88 8.27 21.16
CA LYS A 613 14.79 9.16 20.41
C LYS A 613 13.97 9.93 19.40
N THR A 614 12.97 9.30 18.80
CA THR A 614 12.18 9.96 17.73
C THR A 614 11.21 10.91 18.44
N GLN A 615 10.59 10.49 19.54
CA GLN A 615 9.68 11.41 20.26
C GLN A 615 10.50 12.58 20.84
N SER A 616 11.67 12.32 21.41
CA SER A 616 12.49 13.39 22.06
C SER A 616 12.98 14.41 21.01
N SER A 617 13.50 13.94 19.89
CA SER A 617 13.95 14.82 18.79
C SER A 617 12.76 15.58 18.20
N ASP A 618 11.60 14.92 18.01
CA ASP A 618 10.39 15.56 17.40
C ASP A 618 9.73 16.50 18.41
#